data_4OBJ
#
_entry.id   4OBJ
#
_cell.length_a   50.884
_cell.length_b   58.395
_cell.length_c   61.505
_cell.angle_alpha   90.00
_cell.angle_beta   90.00
_cell.angle_gamma   90.00
#
_symmetry.space_group_name_H-M   'P 21 21 21'
#
loop_
_entity.id
_entity.type
_entity.pdbx_description
1 polymer 'HIV-1 Protease'
2 polymer 'p1-p6 peptide'
3 non-polymer GLYCEROL
4 non-polymer 'ACETATE ION'
5 non-polymer 1,2-ETHANEDIOL
6 water water
#
loop_
_entity_poly.entity_id
_entity_poly.type
_entity_poly.pdbx_seq_one_letter_code
_entity_poly.pdbx_strand_id
1 'polypeptide(L)'
;PQITLWKRPLVTIRIGGQLKEALLNTGADDTVLEEMNLPGKWKPKMIGGIGGFIKVRQYDQIPIEICGHKAIGTVLVGPT
PVNIIGRNLLTQIGCTLNF
;
A,B
2 'polypeptide(L)' RPGNFLQNRP C
#
loop_
_chem_comp.id
_chem_comp.type
_chem_comp.name
_chem_comp.formula
ACT non-polymer 'ACETATE ION' 'C2 H3 O2 -1'
EDO non-polymer 1,2-ETHANEDIOL 'C2 H6 O2'
GOL non-polymer GLYCEROL 'C3 H8 O3'
#
# COMPACT_ATOMS: atom_id res chain seq x y z
N PRO A 1 -14.75 -9.00 8.29
CA PRO A 1 -14.23 -8.51 9.55
C PRO A 1 -13.86 -7.04 9.47
N GLN A 2 -13.56 -6.47 10.63
CA GLN A 2 -13.00 -5.12 10.75
C GLN A 2 -11.56 -5.28 11.20
N ILE A 3 -10.64 -4.64 10.50
CA ILE A 3 -9.23 -4.85 10.75
C ILE A 3 -8.64 -3.48 11.05
N THR A 4 -8.10 -3.35 12.25
CA THR A 4 -7.35 -2.13 12.58
C THR A 4 -5.91 -2.23 12.09
N LEU A 5 -5.16 -1.14 12.24
CA LEU A 5 -3.91 -1.00 11.50
C LEU A 5 -2.68 -0.76 12.39
N TRP A 6 -2.79 -1.14 13.66
CA TRP A 6 -1.63 -1.17 14.55
C TRP A 6 -0.56 -2.16 14.14
N LYS A 7 -0.97 -3.23 13.49
CA LYS A 7 -0.03 -4.15 12.87
C LYS A 7 -0.30 -4.21 11.36
N ARG A 8 0.63 -4.78 10.59
CA ARG A 8 0.38 -5.03 9.17
C ARG A 8 -0.86 -5.90 8.96
N PRO A 9 -1.73 -5.52 8.00
CA PRO A 9 -3.00 -6.27 7.78
C PRO A 9 -2.77 -7.50 6.90
N LEU A 10 -2.25 -8.53 7.56
CA LEU A 10 -1.86 -9.75 6.90
C LEU A 10 -3.00 -10.72 7.06
N VAL A 11 -3.28 -11.42 5.98
CA VAL A 11 -4.31 -12.46 6.01
C VAL A 11 -3.81 -13.70 5.28
N THR A 12 -4.49 -14.84 5.45
CA THR A 12 -4.16 -16.05 4.71
C THR A 12 -4.99 -16.06 3.42
N ILE A 13 -4.34 -16.42 2.32
CA ILE A 13 -4.98 -16.59 1.03
C ILE A 13 -4.75 -18.03 0.56
N ARG A 14 -5.66 -18.51 -0.28
CA ARG A 14 -5.46 -19.77 -1.01
C ARG A 14 -5.43 -19.51 -2.50
N ILE A 15 -4.37 -19.95 -3.17
CA ILE A 15 -4.20 -19.71 -4.59
C ILE A 15 -3.53 -20.94 -5.19
N GLY A 16 -4.09 -21.43 -6.30
CA GLY A 16 -3.55 -22.63 -6.94
C GLY A 16 -3.44 -23.84 -6.02
N GLY A 17 -4.30 -23.86 -5.00
CA GLY A 17 -4.35 -24.95 -4.04
C GLY A 17 -3.46 -24.74 -2.82
N GLN A 18 -2.62 -23.70 -2.84
CA GLN A 18 -1.65 -23.49 -1.79
CA GLN A 18 -1.63 -23.47 -1.80
C GLN A 18 -2.05 -22.34 -0.86
N LEU A 19 -1.68 -22.44 0.41
CA LEU A 19 -1.88 -21.33 1.38
C LEU A 19 -0.66 -20.41 1.47
N LYS A 20 -0.93 -19.11 1.46
CA LYS A 20 0.10 -18.09 1.66
C LYS A 20 -0.41 -16.98 2.53
N GLU A 21 0.51 -16.16 3.04
CA GLU A 21 0.17 -14.97 3.79
C GLU A 21 0.31 -13.74 2.89
N ALA A 22 -0.65 -12.82 2.91
CA ALA A 22 -0.57 -11.65 2.06
C ALA A 22 -1.07 -10.40 2.77
N LEU A 23 -0.59 -9.25 2.34
CA LEU A 23 -0.93 -7.97 2.96
C LEU A 23 -2.06 -7.29 2.21
N LEU A 24 -3.12 -6.87 2.91
CA LEU A 24 -4.20 -6.12 2.29
C LEU A 24 -3.73 -4.67 2.10
N ASN A 25 -3.61 -4.29 0.85
CA ASN A 25 -2.85 -3.11 0.48
C ASN A 25 -3.64 -2.12 -0.38
N THR A 26 -4.20 -1.11 0.27
CA THR A 26 -4.96 -0.06 -0.43
C THR A 26 -4.08 0.86 -1.28
N GLY A 27 -2.76 0.78 -1.08
CA GLY A 27 -1.80 1.55 -1.86
C GLY A 27 -1.32 0.87 -3.13
N ALA A 28 -1.89 -0.29 -3.43
CA ALA A 28 -1.54 -1.03 -4.62
C ALA A 28 -2.70 -1.08 -5.59
N ASP A 29 -2.46 -0.72 -6.85
CA ASP A 29 -3.46 -0.89 -7.90
C ASP A 29 -3.78 -2.38 -8.11
N ASP A 30 -2.71 -3.18 -8.05
CA ASP A 30 -2.69 -4.57 -8.49
C ASP A 30 -2.28 -5.52 -7.38
N THR A 31 -2.55 -6.80 -7.59
CA THR A 31 -2.13 -7.85 -6.69
C THR A 31 -0.81 -8.47 -7.18
N VAL A 32 0.16 -8.60 -6.28
CA VAL A 32 1.50 -8.99 -6.67
C VAL A 32 2.00 -10.02 -5.66
N LEU A 33 2.31 -11.20 -6.15
CA LEU A 33 2.76 -12.29 -5.28
C LEU A 33 4.24 -12.55 -5.56
N GLU A 34 4.94 -13.00 -4.52
CA GLU A 34 6.32 -13.46 -4.65
C GLU A 34 6.40 -14.60 -5.63
N GLU A 35 7.61 -14.83 -6.14
CA GLU A 35 7.80 -15.77 -7.23
CA GLU A 35 7.87 -15.82 -7.19
C GLU A 35 7.24 -17.14 -6.86
N MET A 36 6.41 -17.67 -7.76
CA MET A 36 5.69 -18.92 -7.56
C MET A 36 5.23 -19.37 -8.95
N ASN A 37 4.90 -20.65 -9.08
CA ASN A 37 4.30 -21.18 -10.27
C ASN A 37 2.78 -21.01 -10.22
N LEU A 38 2.19 -20.66 -11.35
CA LEU A 38 0.74 -20.66 -11.48
C LEU A 38 0.40 -21.26 -12.82
N PRO A 39 -0.76 -21.90 -12.94
CA PRO A 39 -1.11 -22.53 -14.20
C PRO A 39 -1.49 -21.49 -15.26
N GLY A 40 -1.34 -21.86 -16.52
CA GLY A 40 -1.91 -21.10 -17.63
C GLY A 40 -0.92 -20.15 -18.26
N LYS A 41 -1.43 -19.39 -19.23
CA LYS A 41 -0.64 -18.42 -19.99
C LYS A 41 -0.34 -17.19 -19.13
N TRP A 42 0.81 -16.58 -19.37
CA TRP A 42 1.10 -15.30 -18.74
C TRP A 42 1.74 -14.37 -19.77
N LYS A 43 1.75 -13.07 -19.47
CA LYS A 43 2.35 -12.04 -20.29
C LYS A 43 3.38 -11.31 -19.42
N PRO A 44 4.53 -10.93 -19.99
CA PRO A 44 5.44 -10.02 -19.30
C PRO A 44 4.81 -8.64 -19.10
N LYS A 45 5.06 -8.07 -17.92
CA LYS A 45 4.55 -6.74 -17.57
C LYS A 45 5.58 -6.06 -16.67
N MET A 46 5.53 -4.73 -16.59
CA MET A 46 6.29 -3.99 -15.61
C MET A 46 5.35 -3.23 -14.70
N ILE A 47 5.75 -3.04 -13.44
CA ILE A 47 4.97 -2.28 -12.48
C ILE A 47 5.94 -1.45 -11.64
N GLY A 48 5.45 -0.36 -11.03
CA GLY A 48 6.30 0.53 -10.24
C GLY A 48 5.89 0.50 -8.79
N GLY A 49 6.87 0.75 -7.93
CA GLY A 49 6.64 0.92 -6.51
C GLY A 49 7.46 2.06 -5.98
N ILE A 50 7.66 2.04 -4.67
CA ILE A 50 8.30 3.14 -3.99
C ILE A 50 9.73 3.32 -4.49
N GLY A 51 10.39 2.22 -4.81
CA GLY A 51 11.82 2.22 -5.16
C GLY A 51 12.13 2.21 -6.64
N GLY A 52 11.12 2.06 -7.47
CA GLY A 52 11.29 2.02 -8.91
C GLY A 52 10.47 0.90 -9.51
N PHE A 53 10.88 0.44 -10.68
CA PHE A 53 10.10 -0.52 -11.44
C PHE A 53 10.67 -1.92 -11.43
N ILE A 54 9.80 -2.91 -11.57
CA ILE A 54 10.22 -4.30 -11.65
C ILE A 54 9.44 -5.01 -12.76
N LYS A 55 10.01 -6.13 -13.19
CA LYS A 55 9.37 -7.02 -14.15
C LYS A 55 8.57 -8.11 -13.44
N VAL A 56 7.34 -8.30 -13.89
CA VAL A 56 6.47 -9.35 -13.37
C VAL A 56 5.86 -10.18 -14.48
N ARG A 57 5.24 -11.29 -14.09
CA ARG A 57 4.44 -12.11 -14.97
C ARG A 57 2.96 -11.88 -14.67
N GLN A 58 2.19 -11.56 -15.70
CA GLN A 58 0.78 -11.30 -15.50
C GLN A 58 -0.06 -12.52 -15.89
N TYR A 59 -0.83 -13.02 -14.92
CA TYR A 59 -1.76 -14.11 -15.08
C TYR A 59 -3.16 -13.54 -14.97
N ASP A 60 -4.00 -13.81 -15.98
CA ASP A 60 -5.38 -13.36 -15.88
C ASP A 60 -6.35 -14.40 -15.32
N GLN A 61 -7.42 -13.89 -14.73
CA GLN A 61 -8.55 -14.73 -14.37
C GLN A 61 -8.21 -15.90 -13.46
N ILE A 62 -7.42 -15.59 -12.46
CA ILE A 62 -6.93 -16.56 -11.48
C ILE A 62 -7.82 -16.52 -10.23
N PRO A 63 -8.41 -17.65 -9.84
CA PRO A 63 -9.14 -17.70 -8.58
C PRO A 63 -8.23 -17.63 -7.36
N ILE A 64 -8.65 -16.85 -6.37
CA ILE A 64 -7.91 -16.68 -5.14
CA ILE A 64 -7.92 -16.69 -5.12
C ILE A 64 -8.92 -16.52 -4.00
N GLU A 65 -8.73 -17.21 -2.88
CA GLU A 65 -9.60 -17.00 -1.74
CA GLU A 65 -9.59 -17.04 -1.72
C GLU A 65 -8.84 -16.19 -0.71
N ILE A 66 -9.42 -15.07 -0.33
CA ILE A 66 -8.75 -14.09 0.52
C ILE A 66 -9.49 -13.92 1.84
N CYS A 67 -8.92 -14.44 2.92
CA CYS A 67 -9.56 -14.42 4.22
C CYS A 67 -10.99 -14.92 4.10
N GLY A 68 -11.17 -16.03 3.38
CA GLY A 68 -12.45 -16.70 3.24
C GLY A 68 -13.35 -16.15 2.12
N HIS A 69 -12.95 -15.12 1.39
CA HIS A 69 -13.79 -14.52 0.36
C HIS A 69 -13.18 -14.83 -0.98
N LYS A 70 -14.03 -15.23 -1.92
CA LYS A 70 -13.59 -15.61 -3.25
C LYS A 70 -13.43 -14.40 -4.17
N ALA A 71 -12.35 -14.43 -4.93
CA ALA A 71 -12.05 -13.45 -5.99
C ALA A 71 -11.52 -14.22 -7.21
N ILE A 72 -11.70 -13.68 -8.40
CA ILE A 72 -11.10 -14.26 -9.60
C ILE A 72 -10.65 -13.07 -10.42
N GLY A 73 -9.34 -12.92 -10.62
CA GLY A 73 -8.83 -11.75 -11.29
C GLY A 73 -7.35 -11.84 -11.60
N THR A 74 -6.78 -10.71 -11.94
CA THR A 74 -5.40 -10.66 -12.41
C THR A 74 -4.46 -10.76 -11.22
N VAL A 75 -3.44 -11.60 -11.37
CA VAL A 75 -2.42 -11.79 -10.36
C VAL A 75 -1.07 -11.60 -11.05
N LEU A 76 -0.24 -10.72 -10.50
CA LEU A 76 1.12 -10.51 -10.94
C LEU A 76 2.07 -11.26 -10.03
N VAL A 77 3.10 -11.84 -10.62
CA VAL A 77 4.08 -12.64 -9.92
C VAL A 77 5.46 -12.08 -10.22
N GLY A 78 6.23 -11.84 -9.16
CA GLY A 78 7.52 -11.22 -9.38
C GLY A 78 8.23 -10.91 -8.08
N PRO A 79 9.33 -10.16 -8.15
CA PRO A 79 10.18 -9.94 -6.97
C PRO A 79 9.67 -8.83 -6.05
N THR A 80 8.44 -8.97 -5.60
CA THR A 80 7.93 -8.18 -4.52
C THR A 80 8.47 -8.68 -3.20
N PRO A 81 8.79 -7.77 -2.26
CA PRO A 81 9.24 -8.21 -0.95
C PRO A 81 8.20 -8.95 -0.10
N VAL A 82 6.92 -8.76 -0.37
CA VAL A 82 5.86 -9.41 0.39
C VAL A 82 4.70 -9.61 -0.57
N ASN A 83 3.93 -10.67 -0.34
CA ASN A 83 2.70 -10.86 -1.11
C ASN A 83 1.72 -9.74 -0.81
N ILE A 84 1.09 -9.22 -1.87
N ILE A 84 1.21 -9.05 -1.84
CA ILE A 84 0.30 -7.99 -1.83
CA ILE A 84 0.24 -8.00 -1.60
C ILE A 84 -1.08 -8.21 -2.47
C ILE A 84 -1.05 -8.24 -2.39
N ILE A 85 -2.18 -8.01 -1.73
CA ILE A 85 -3.49 -8.01 -2.35
C ILE A 85 -3.83 -6.55 -2.59
N GLY A 86 -3.97 -6.19 -3.87
CA GLY A 86 -4.24 -4.82 -4.22
C GLY A 86 -5.70 -4.57 -4.52
N ARG A 87 -5.97 -3.36 -4.96
CA ARG A 87 -7.33 -2.92 -5.13
C ARG A 87 -8.14 -3.76 -6.11
N ASN A 88 -7.50 -4.27 -7.15
CA ASN A 88 -8.23 -5.08 -8.13
C ASN A 88 -9.02 -6.22 -7.47
N LEU A 89 -8.44 -6.80 -6.43
CA LEU A 89 -9.10 -7.88 -5.72
C LEU A 89 -9.75 -7.43 -4.41
N LEU A 90 -9.25 -6.38 -3.78
CA LEU A 90 -9.96 -5.80 -2.64
C LEU A 90 -11.39 -5.40 -2.97
N THR A 91 -11.62 -4.84 -4.16
CA THR A 91 -12.97 -4.47 -4.57
C THR A 91 -13.85 -5.69 -4.74
N GLN A 92 -13.27 -6.79 -5.20
CA GLN A 92 -14.04 -8.02 -5.42
C GLN A 92 -14.58 -8.58 -4.13
N ILE A 93 -13.86 -8.40 -3.02
CA ILE A 93 -14.26 -8.96 -1.75
C ILE A 93 -14.99 -7.95 -0.87
N GLY A 94 -15.23 -6.76 -1.42
CA GLY A 94 -16.08 -5.78 -0.75
C GLY A 94 -15.37 -4.95 0.28
N CYS A 95 -14.07 -4.78 0.14
CA CYS A 95 -13.28 -4.07 1.13
C CYS A 95 -13.39 -2.54 0.99
N THR A 96 -13.56 -1.86 2.11
CA THR A 96 -13.56 -0.39 2.16
C THR A 96 -12.68 0.08 3.32
N LEU A 97 -12.23 1.33 3.25
CA LEU A 97 -11.62 2.00 4.37
C LEU A 97 -12.67 2.85 5.09
N ASN A 98 -12.56 2.90 6.41
CA ASN A 98 -13.55 3.56 7.24
C ASN A 98 -12.88 4.31 8.40
N PHE A 99 -13.24 5.57 8.58
CA PHE A 99 -12.80 6.30 9.76
C PHE A 99 -13.79 7.38 10.17
N PRO B 1 -15.79 9.02 7.41
CA PRO B 1 -16.19 8.65 6.05
C PRO B 1 -15.91 7.18 5.69
N GLN B 2 -16.55 6.71 4.63
CA GLN B 2 -16.22 5.43 4.04
C GLN B 2 -15.60 5.71 2.67
N ILE B 3 -14.48 5.06 2.41
CA ILE B 3 -13.76 5.19 1.16
C ILE B 3 -13.70 3.85 0.45
N THR B 4 -14.32 3.80 -0.73
CA THR B 4 -14.28 2.61 -1.56
C THR B 4 -12.97 2.59 -2.34
N LEU B 5 -12.69 1.45 -2.96
CA LEU B 5 -11.34 1.23 -3.49
C LEU B 5 -11.39 1.01 -4.98
N TRP B 6 -12.47 1.47 -5.60
CA TRP B 6 -12.53 1.44 -7.07
C TRP B 6 -11.42 2.25 -7.72
N LYS B 7 -11.12 3.41 -7.13
CA LYS B 7 -10.03 4.31 -7.51
C LYS B 7 -9.01 4.41 -6.38
N ARG B 8 -7.81 4.88 -6.70
CA ARG B 8 -6.81 5.20 -5.67
C ARG B 8 -7.44 6.06 -4.57
N PRO B 9 -7.28 5.63 -3.30
CA PRO B 9 -7.91 6.35 -2.16
C PRO B 9 -7.13 7.61 -1.82
N LEU B 10 -7.26 8.59 -2.70
CA LEU B 10 -6.60 9.88 -2.56
C LEU B 10 -7.52 10.84 -1.82
N VAL B 11 -7.01 11.43 -0.76
CA VAL B 11 -7.77 12.34 0.08
C VAL B 11 -6.97 13.61 0.31
N THR B 12 -7.63 14.67 0.77
CA THR B 12 -6.93 15.91 1.05
C THR B 12 -6.30 15.89 2.44
N ILE B 13 -5.03 16.24 2.53
CA ILE B 13 -4.39 16.40 3.81
C ILE B 13 -3.92 17.84 3.96
N ARG B 14 -3.64 18.21 5.20
CA ARG B 14 -3.08 19.52 5.50
C ARG B 14 -1.81 19.35 6.32
N ILE B 15 -0.73 19.97 5.83
CA ILE B 15 0.54 19.95 6.51
C ILE B 15 1.20 21.33 6.41
N GLY B 16 1.53 21.89 7.57
CA GLY B 16 1.91 23.32 7.62
C GLY B 16 0.81 24.26 7.17
N GLY B 17 -0.46 23.87 7.37
CA GLY B 17 -1.56 24.74 6.99
C GLY B 17 -1.86 24.63 5.50
N GLN B 18 -1.06 23.87 4.76
CA GLN B 18 -1.19 23.85 3.30
CA GLN B 18 -1.15 23.83 3.29
C GLN B 18 -1.73 22.49 2.83
N LEU B 19 -2.49 22.52 1.74
CA LEU B 19 -3.24 21.34 1.33
C LEU B 19 -2.51 20.54 0.26
N LYS B 20 -2.63 19.21 0.36
CA LYS B 20 -2.02 18.28 -0.58
C LYS B 20 -2.98 17.09 -0.73
N GLU B 21 -2.85 16.36 -1.84
CA GLU B 21 -3.58 15.11 -1.98
CA GLU B 21 -3.57 15.11 -2.04
C GLU B 21 -2.64 13.96 -1.64
N ALA B 22 -3.17 12.99 -0.91
CA ALA B 22 -2.32 11.88 -0.49
C ALA B 22 -3.09 10.58 -0.51
N LEU B 23 -2.33 9.51 -0.67
CA LEU B 23 -2.84 8.14 -0.79
C LEU B 23 -2.92 7.45 0.56
N LEU B 24 -4.11 7.00 0.93
CA LEU B 24 -4.25 6.21 2.16
C LEU B 24 -3.79 4.79 1.91
N ASN B 25 -2.68 4.42 2.52
CA ASN B 25 -1.96 3.24 2.11
C ASN B 25 -1.78 2.27 3.29
N THR B 26 -2.65 1.27 3.37
CA THR B 26 -2.55 0.28 4.42
C THR B 26 -1.32 -0.64 4.27
N GLY B 27 -0.68 -0.58 3.10
CA GLY B 27 0.57 -1.30 2.86
C GLY B 27 1.85 -0.51 3.14
N ALA B 28 1.71 0.65 3.77
CA ALA B 28 2.85 1.44 4.20
C ALA B 28 2.90 1.52 5.73
N ASP B 29 4.04 1.18 6.30
CA ASP B 29 4.23 1.29 7.75
C ASP B 29 4.26 2.77 8.15
N ASP B 30 4.86 3.58 7.28
CA ASP B 30 5.21 4.97 7.61
C ASP B 30 4.60 5.91 6.56
N THR B 31 4.58 7.20 6.89
CA THR B 31 4.02 8.25 6.04
C THR B 31 5.16 8.96 5.32
N VAL B 32 5.05 9.06 4.00
CA VAL B 32 6.09 9.71 3.20
C VAL B 32 5.48 10.67 2.22
N LEU B 33 6.00 11.90 2.26
CA LEU B 33 5.53 12.98 1.40
C LEU B 33 6.54 13.27 0.30
N GLU B 34 6.00 13.70 -0.85
CA GLU B 34 6.77 14.17 -1.97
C GLU B 34 7.65 15.30 -1.50
N GLU B 35 8.80 15.43 -2.14
CA GLU B 35 9.80 16.42 -1.78
C GLU B 35 9.18 17.79 -1.54
N MET B 36 9.44 18.33 -0.36
CA MET B 36 8.98 19.64 0.01
C MET B 36 9.97 20.18 1.04
N ASN B 37 10.12 21.50 1.10
CA ASN B 37 11.18 22.06 1.92
C ASN B 37 10.67 22.43 3.32
N LEU B 38 10.35 21.40 4.10
CA LEU B 38 9.82 21.50 5.45
C LEU B 38 10.90 21.93 6.42
N PRO B 39 10.58 22.87 7.32
CA PRO B 39 11.58 23.30 8.28
C PRO B 39 11.73 22.26 9.38
N GLY B 40 12.82 22.36 10.12
CA GLY B 40 13.00 21.52 11.29
C GLY B 40 14.19 20.59 11.16
N LYS B 41 14.51 19.96 12.30
CA LYS B 41 15.57 18.94 12.36
C LYS B 41 15.05 17.65 11.75
N TRP B 42 15.95 16.93 11.07
CA TRP B 42 15.59 15.66 10.48
C TRP B 42 16.76 14.70 10.56
N LYS B 43 16.47 13.42 10.36
CA LYS B 43 17.48 12.36 10.31
C LYS B 43 17.35 11.61 8.99
N PRO B 44 18.47 11.22 8.37
CA PRO B 44 18.40 10.39 7.17
C PRO B 44 17.85 8.98 7.44
N LYS B 45 17.10 8.44 6.49
CA LYS B 45 16.51 7.12 6.59
C LYS B 45 16.37 6.55 5.17
N MET B 46 16.36 5.23 5.06
CA MET B 46 16.03 4.56 3.81
CA MET B 46 16.05 4.55 3.81
C MET B 46 14.73 3.80 3.98
N ILE B 47 13.84 3.93 3.01
CA ILE B 47 12.60 3.15 3.03
C ILE B 47 12.50 2.34 1.76
N GLY B 48 11.89 1.17 1.88
CA GLY B 48 11.90 0.25 0.77
C GLY B 48 10.57 -0.35 0.48
N GLY B 49 10.49 -0.92 -0.71
CA GLY B 49 9.36 -1.71 -1.12
C GLY B 49 9.63 -2.21 -2.52
N ILE B 50 8.59 -2.32 -3.33
CA ILE B 50 8.79 -2.78 -4.70
C ILE B 50 9.76 -1.83 -5.41
N GLY B 51 10.77 -2.39 -6.05
CA GLY B 51 11.69 -1.56 -6.78
C GLY B 51 12.95 -1.25 -6.00
N GLY B 52 12.97 -1.51 -4.70
CA GLY B 52 14.15 -1.20 -3.90
C GLY B 52 13.92 -0.09 -2.89
N PHE B 53 14.95 0.70 -2.63
CA PHE B 53 14.89 1.67 -1.53
C PHE B 53 15.08 3.07 -2.09
N ILE B 54 14.57 4.03 -1.33
CA ILE B 54 14.87 5.44 -1.56
C ILE B 54 15.31 6.11 -0.26
N LYS B 55 16.09 7.18 -0.43
CA LYS B 55 16.60 7.98 0.66
CA LYS B 55 16.56 7.95 0.70
C LYS B 55 15.53 9.02 1.02
N VAL B 56 15.25 9.15 2.31
CA VAL B 56 14.29 10.15 2.79
C VAL B 56 14.80 10.89 4.04
N ARG B 57 14.10 11.98 4.37
CA ARG B 57 14.40 12.77 5.55
C ARG B 57 13.31 12.48 6.56
N GLN B 58 13.69 12.14 7.78
CA GLN B 58 12.71 11.81 8.82
C GLN B 58 12.50 12.99 9.79
N TYR B 59 11.28 13.50 9.84
CA TYR B 59 10.87 14.59 10.71
C TYR B 59 9.98 14.06 11.81
N ASP B 60 10.15 14.52 13.04
CA ASP B 60 9.35 13.98 14.15
C ASP B 60 8.26 14.96 14.63
N GLN B 61 7.14 14.43 15.13
CA GLN B 61 6.09 15.19 15.81
C GLN B 61 5.58 16.35 14.95
N ILE B 62 5.28 15.99 13.70
CA ILE B 62 4.73 16.91 12.73
C ILE B 62 3.21 16.78 12.74
N PRO B 63 2.49 17.89 13.03
CA PRO B 63 1.04 17.82 12.89
C PRO B 63 0.59 17.65 11.44
N ILE B 64 -0.41 16.81 11.23
CA ILE B 64 -0.99 16.62 9.89
C ILE B 64 -2.49 16.43 10.07
N GLU B 65 -3.30 16.97 9.17
CA GLU B 65 -4.71 16.68 9.23
C GLU B 65 -5.10 15.90 7.97
N ILE B 66 -5.82 14.81 8.18
CA ILE B 66 -6.20 13.88 7.10
C ILE B 66 -7.71 13.90 6.97
N CYS B 67 -8.21 14.40 5.85
CA CYS B 67 -9.65 14.60 5.70
C CYS B 67 -10.32 15.17 6.93
N GLY B 68 -9.72 16.19 7.53
CA GLY B 68 -10.32 16.81 8.70
C GLY B 68 -10.00 16.18 10.04
N HIS B 69 -9.38 15.02 10.06
CA HIS B 69 -9.03 14.37 11.30
C HIS B 69 -7.58 14.66 11.67
N LYS B 70 -7.34 15.19 12.87
CA LYS B 70 -6.00 15.61 13.23
C LYS B 70 -5.14 14.43 13.65
N ALA B 71 -3.86 14.50 13.30
CA ALA B 71 -2.84 13.54 13.69
C ALA B 71 -1.52 14.27 13.94
N ILE B 72 -0.59 13.58 14.60
CA ILE B 72 0.75 14.13 14.82
C ILE B 72 1.70 12.96 14.94
N GLY B 73 2.77 12.99 14.15
CA GLY B 73 3.74 11.93 14.23
C GLY B 73 4.89 12.15 13.28
N THR B 74 5.55 11.04 12.99
CA THR B 74 6.72 11.03 12.15
C THR B 74 6.31 11.12 10.69
N VAL B 75 6.93 12.07 10.00
CA VAL B 75 6.69 12.29 8.60
C VAL B 75 8.03 12.22 7.86
N LEU B 76 8.06 11.37 6.83
CA LEU B 76 9.21 11.23 5.96
C LEU B 76 8.99 12.08 4.70
N VAL B 77 10.08 12.63 4.18
CA VAL B 77 10.07 13.45 2.97
C VAL B 77 11.17 12.99 2.01
N GLY B 78 10.78 12.74 0.76
CA GLY B 78 11.73 12.38 -0.26
C GLY B 78 11.07 12.11 -1.59
N PRO B 79 11.80 11.49 -2.53
CA PRO B 79 11.34 11.32 -3.91
C PRO B 79 10.42 10.10 -4.08
N THR B 80 9.39 10.04 -3.25
CA THR B 80 8.21 9.22 -3.56
C THR B 80 7.46 9.78 -4.78
N PRO B 81 6.88 8.89 -5.59
CA PRO B 81 6.05 9.42 -6.68
C PRO B 81 4.69 10.00 -6.27
N VAL B 82 4.24 9.73 -5.06
CA VAL B 82 2.97 10.24 -4.56
C VAL B 82 3.03 10.39 -3.04
N ASN B 83 2.30 11.36 -2.51
CA ASN B 83 2.20 11.49 -1.07
C ASN B 83 1.48 10.28 -0.51
N ILE B 84 1.99 9.73 0.58
CA ILE B 84 1.51 8.46 1.14
C ILE B 84 1.26 8.60 2.63
N ILE B 85 0.03 8.30 3.03
CA ILE B 85 -0.29 8.22 4.45
C ILE B 85 -0.22 6.75 4.85
N GLY B 86 0.67 6.47 5.80
CA GLY B 86 0.87 5.11 6.26
C GLY B 86 0.18 4.81 7.59
N ARG B 87 0.46 3.62 8.11
CA ARG B 87 -0.28 3.15 9.27
C ARG B 87 0.01 3.95 10.52
N ASN B 88 1.20 4.52 10.61
CA ASN B 88 1.50 5.35 11.79
C ASN B 88 0.51 6.47 12.00
N LEU B 89 -0.05 7.03 10.92
CA LEU B 89 -1.10 8.04 11.02
C LEU B 89 -2.52 7.52 10.82
N LEU B 90 -2.70 6.47 10.04
CA LEU B 90 -4.03 5.89 9.84
C LEU B 90 -4.59 5.38 11.18
N THR B 91 -3.73 4.88 12.05
CA THR B 91 -4.16 4.42 13.38
C THR B 91 -4.61 5.60 14.23
N GLN B 92 -4.02 6.78 14.05
CA GLN B 92 -4.41 7.94 14.84
C GLN B 92 -5.79 8.50 14.50
N ILE B 93 -6.22 8.30 13.27
CA ILE B 93 -7.52 8.76 12.82
C ILE B 93 -8.58 7.67 12.87
N GLY B 94 -8.22 6.50 13.40
CA GLY B 94 -9.14 5.40 13.63
C GLY B 94 -9.61 4.71 12.39
N CYS B 95 -8.72 4.63 11.40
CA CYS B 95 -9.01 4.03 10.10
C CYS B 95 -8.96 2.50 10.23
N THR B 96 -9.99 1.86 9.67
CA THR B 96 -10.08 0.41 9.61
C THR B 96 -10.32 -0.06 8.20
N LEU B 97 -9.95 -1.32 7.94
CA LEU B 97 -10.36 -2.02 6.71
C LEU B 97 -11.56 -2.88 7.07
N ASN B 98 -12.57 -2.87 6.22
CA ASN B 98 -13.78 -3.60 6.52
C ASN B 98 -14.20 -4.39 5.29
N PHE B 99 -14.54 -5.66 5.50
CA PHE B 99 -15.21 -6.44 4.47
C PHE B 99 -16.05 -7.55 5.09
N ARG C 1 13.71 -2.55 7.61
CA ARG C 1 13.00 -3.59 6.81
C ARG C 1 12.09 -2.89 5.80
N PRO C 2 11.90 -3.48 4.60
CA PRO C 2 11.06 -2.81 3.61
C PRO C 2 9.62 -2.73 4.11
N GLY C 3 9.04 -1.53 4.02
CA GLY C 3 7.80 -1.25 4.70
C GLY C 3 6.83 -0.39 3.93
N ASN C 4 7.16 0.03 2.71
CA ASN C 4 6.20 0.84 1.95
C ASN C 4 5.86 0.16 0.63
N PHE C 5 4.70 -0.47 0.58
CA PHE C 5 4.35 -1.27 -0.57
C PHE C 5 3.39 -0.59 -1.54
N LEU C 6 3.57 0.73 -1.73
CA LEU C 6 2.99 1.38 -2.90
C LEU C 6 3.18 0.50 -4.12
N GLN C 7 2.15 0.44 -4.94
CA GLN C 7 2.31 -0.16 -6.25
C GLN C 7 1.39 0.51 -7.29
N ASN C 8 1.97 0.76 -8.45
CA ASN C 8 1.27 1.42 -9.53
C ASN C 8 1.44 0.59 -10.83
N ARG C 9 0.35 0.52 -11.58
CA ARG C 9 0.42 0.04 -12.96
C ARG C 9 1.31 0.99 -13.77
N PRO C 10 1.96 0.49 -14.83
CA PRO C 10 2.81 1.30 -15.69
C PRO C 10 2.04 2.36 -16.48
C1 GOL D . -9.56 -19.98 -4.99
O1 GOL D . -10.97 -20.19 -5.02
C2 GOL D . -8.81 -21.08 -4.26
O2 GOL D . -9.63 -22.21 -3.91
C3 GOL D . -7.66 -21.50 -5.17
O3 GOL D . -6.95 -22.62 -4.64
C ACT E . -3.31 -5.74 -20.61
O ACT E . -2.96 -6.90 -20.90
OXT ACT E . -3.44 -5.37 -19.43
CH3 ACT E . -3.61 -4.76 -21.71
C ACT F . -17.75 -15.14 -1.16
O ACT F . -18.30 -16.11 -1.67
OXT ACT F . -16.56 -14.87 -1.42
CH3 ACT F . -18.50 -14.25 -0.22
C1 EDO G . 3.12 -5.84 12.01
O1 EDO G . 4.02 -4.75 12.28
C2 EDO G . 3.87 -7.13 12.24
O2 EDO G . 3.24 -8.11 11.40
C1 EDO H . -11.36 -25.42 -5.69
O1 EDO H . -10.24 -25.78 -6.48
C2 EDO H . -10.88 -24.89 -4.36
O2 EDO H . -11.34 -25.81 -3.35
C1 GOL I . -16.80 -3.05 -4.03
O1 GOL I . -17.33 -4.35 -3.72
C2 GOL I . -16.08 -2.38 -2.87
O2 GOL I . -17.03 -1.67 -2.08
C3 GOL I . -15.03 -1.40 -3.42
O3 GOL I . -14.24 -0.76 -2.40
C1 EDO J . -9.31 19.15 5.14
O1 EDO J . -9.31 20.36 4.35
C2 EDO J . -7.93 18.51 5.05
O2 EDO J . -7.68 17.69 6.18
C1 EDO K . -10.83 -0.67 -10.58
O1 EDO K . -11.99 0.16 -10.48
C2 EDO K . -10.73 -1.60 -9.39
O2 EDO K . -9.61 -1.26 -8.56
C ACT L . 15.40 24.91 9.27
O ACT L . 14.35 25.37 8.80
OXT ACT L . 15.35 24.12 10.23
CH3 ACT L . 16.71 25.34 8.71
C1 GOL M . -6.18 5.80 17.73
O1 GOL M . -4.91 6.10 18.32
C2 GOL M . -7.31 6.69 18.26
O2 GOL M . -7.02 8.06 17.94
C3 GOL M . -8.63 6.19 17.67
O3 GOL M . -9.68 7.18 17.68
C1 EDO N . -7.12 4.55 -10.72
O1 EDO N . -7.30 3.19 -10.28
C2 EDO N . -7.46 5.38 -9.56
O2 EDO N . -6.72 6.58 -9.61
C1 EDO O . -1.56 18.19 -5.32
O1 EDO O . -2.79 18.67 -4.75
C2 EDO O . -0.47 18.36 -4.28
O2 EDO O . -0.63 17.20 -3.48
#